data_7JU6
#
_entry.id   7JU6
#
_cell.length_a   50.621
_cell.length_b   79.975
_cell.length_c   79.839
_cell.angle_alpha   90.000
_cell.angle_beta   100.090
_cell.angle_gamma   90.000
#
_symmetry.space_group_name_H-M   'P 1 21 1'
#
loop_
_entity.id
_entity.type
_entity.pdbx_description
1 polymer 'Proto-oncogene tyrosine-protein kinase receptor Ret'
2 non-polymer Selpercatinib
3 non-polymer 'FORMIC ACID'
4 water water
#
_entity_poly.entity_id   1
_entity_poly.type   'polypeptide(L)'
_entity_poly.pdbx_seq_one_letter_code
;GPLSLSVDAFKILEDPKWEFPRKNLVLGKTLGEGEFGKVVKATAFHLKGRAGYTTVAVKMLKENASPSELRDLLSEFNVL
KQVNHPHVIKLYGACSQDGPLLLIVEYAKYGSLRGFLRESRKVGPGYLGSGGSRNSSSLDHPDERALTMGDLISFAWQIS
QGMQYLAEMKLVHRDLAARNILVAEGRKMKISDFGLSRDVYEEDSYVKRSQGRIPVKWMAIESLFDHIYTTQSDVWSFGV
LLWEIVTLGGNPYPGIPPERLFNLLKTGHRMERPDNCSEEMYRLMLQCWKQEPDKRPVFADISKDLEKMMVKRR
;
_entity_poly.pdbx_strand_id   A,B
#
loop_
_chem_comp.id
_chem_comp.type
_chem_comp.name
_chem_comp.formula
FMT non-polymer 'FORMIC ACID' 'C H2 O2'
Q6G non-polymer Selpercatinib 'C29 H31 N7 O3'
#
# COMPACT_ATOMS: atom_id res chain seq x y z
N GLU A 14 4.86 20.47 -18.35
CA GLU A 14 3.38 20.25 -18.39
C GLU A 14 2.65 21.59 -18.21
N ASP A 15 2.51 22.03 -16.96
CA ASP A 15 1.92 23.33 -16.66
C ASP A 15 3.01 24.39 -16.51
N PRO A 16 2.94 25.45 -17.33
CA PRO A 16 3.97 26.49 -17.32
C PRO A 16 4.21 27.10 -15.94
N LYS A 17 3.13 27.37 -15.20
CA LYS A 17 3.24 28.07 -13.92
C LYS A 17 3.84 27.24 -12.79
N TRP A 18 4.03 25.93 -13.02
CA TRP A 18 4.42 25.02 -11.95
C TRP A 18 5.63 24.18 -12.25
N GLU A 19 5.95 24.00 -13.52
CA GLU A 19 7.13 23.23 -13.92
C GLU A 19 8.41 23.93 -13.43
N PHE A 20 9.32 23.17 -12.83
CA PHE A 20 10.54 23.71 -12.24
C PHE A 20 11.76 23.03 -12.89
N PRO A 21 12.85 23.80 -13.18
CA PRO A 21 14.06 23.25 -13.83
C PRO A 21 14.79 22.20 -13.01
N ARG A 22 14.93 21.01 -13.57
CA ARG A 22 15.50 19.89 -12.83
C ARG A 22 16.90 20.21 -12.28
N LYS A 23 17.72 20.92 -13.05
CA LYS A 23 19.10 21.23 -12.64
C LYS A 23 19.15 22.19 -11.46
N ASN A 24 18.03 22.86 -11.18
CA ASN A 24 17.96 23.77 -10.04
C ASN A 24 17.53 23.08 -8.73
N LEU A 25 17.37 21.76 -8.78
CA LEU A 25 16.85 21.00 -7.65
C LEU A 25 17.90 19.97 -7.22
N VAL A 26 18.27 19.98 -5.93
CA VAL A 26 19.25 19.04 -5.39
C VAL A 26 18.58 18.18 -4.29
N LEU A 27 18.64 16.87 -4.44
CA LEU A 27 17.94 15.97 -3.50
C LEU A 27 18.90 15.51 -2.40
N GLY A 28 18.38 15.38 -1.19
CA GLY A 28 19.17 14.95 -0.04
C GLY A 28 18.62 13.68 0.57
N LYS A 29 18.64 13.63 1.90
CA LYS A 29 18.29 12.42 2.65
C LYS A 29 16.80 12.09 2.62
N THR A 30 16.48 10.85 2.92
CA THR A 30 15.11 10.39 2.93
C THR A 30 14.44 10.85 4.22
N LEU A 31 13.24 11.42 4.11
CA LEU A 31 12.50 11.90 5.27
C LEU A 31 11.42 10.90 5.64
N GLY A 32 11.10 10.00 4.72
CA GLY A 32 10.06 9.02 4.92
C GLY A 32 9.88 8.20 3.66
N GLU A 33 9.60 6.91 3.83
CA GLU A 33 9.26 6.07 2.70
C GLU A 33 8.36 4.95 3.13
N GLY A 34 7.43 4.58 2.26
CA GLY A 34 6.53 3.49 2.53
C GLY A 34 6.45 2.59 1.33
N GLU A 35 5.28 1.99 1.14
CA GLU A 35 5.05 1.15 -0.02
C GLU A 35 5.09 1.97 -1.33
N PHE A 36 6.17 1.74 -2.09
CA PHE A 36 6.40 2.31 -3.45
C PHE A 36 6.42 3.87 -3.63
N GLY A 37 6.60 4.60 -2.53
CA GLY A 37 6.69 6.07 -2.55
C GLY A 37 7.66 6.57 -1.49
N LYS A 38 8.20 7.78 -1.68
CA LYS A 38 9.30 8.28 -0.85
C LYS A 38 9.30 9.80 -0.78
N VAL A 39 9.69 10.35 0.37
CA VAL A 39 9.89 11.80 0.52
C VAL A 39 11.34 12.09 0.91
N VAL A 40 11.97 13.00 0.17
CA VAL A 40 13.34 13.42 0.48
C VAL A 40 13.41 14.91 0.78
N LYS A 41 14.35 15.28 1.65
CA LYS A 41 14.67 16.68 1.90
C LYS A 41 15.45 17.18 0.70
N ALA A 42 15.23 18.43 0.33
CA ALA A 42 15.87 18.95 -0.88
C ALA A 42 16.12 20.43 -0.80
N THR A 43 16.83 20.93 -1.80
CA THR A 43 17.07 22.35 -1.90
C THR A 43 16.87 22.81 -3.36
N ALA A 44 16.22 23.96 -3.52
CA ALA A 44 15.82 24.44 -4.85
C ALA A 44 16.36 25.85 -5.09
N PHE A 45 17.10 26.01 -6.18
CA PHE A 45 17.73 27.26 -6.55
C PHE A 45 16.79 28.13 -7.36
N HIS A 46 16.64 29.38 -6.94
CA HIS A 46 15.85 30.37 -7.67
C HIS A 46 14.42 29.87 -7.80
N LEU A 47 13.84 29.49 -6.66
CA LEU A 47 12.47 28.98 -6.58
C LEU A 47 11.42 30.09 -6.55
N LYS A 48 10.51 30.07 -7.53
CA LYS A 48 9.49 31.12 -7.67
C LYS A 48 10.16 32.47 -7.51
N GLY A 49 11.31 32.64 -8.16
CA GLY A 49 12.08 33.89 -8.09
C GLY A 49 12.68 34.33 -6.76
N ARG A 50 12.76 33.43 -5.77
CA ARG A 50 13.55 33.68 -4.54
C ARG A 50 15.02 33.57 -4.89
N ALA A 51 15.84 34.49 -4.40
CA ALA A 51 17.26 34.42 -4.66
C ALA A 51 17.87 33.30 -3.83
N GLY A 52 18.87 32.64 -4.38
CA GLY A 52 19.54 31.57 -3.65
C GLY A 52 18.74 30.28 -3.59
N TYR A 53 19.09 29.45 -2.60
CA TYR A 53 18.48 28.15 -2.40
C TYR A 53 17.41 28.23 -1.34
N THR A 54 16.36 27.44 -1.50
CA THR A 54 15.31 27.31 -0.51
C THR A 54 15.27 25.84 -0.14
N THR A 55 15.18 25.53 1.15
CA THR A 55 14.99 24.16 1.61
C THR A 55 13.53 23.71 1.37
N VAL A 56 13.36 22.56 0.73
CA VAL A 56 12.05 22.05 0.31
C VAL A 56 11.97 20.56 0.60
N ALA A 57 10.81 19.94 0.39
CA ALA A 57 10.70 18.48 0.41
C ALA A 57 10.25 17.99 -0.95
N VAL A 58 10.66 16.77 -1.33
CA VAL A 58 10.31 16.24 -2.65
C VAL A 58 9.65 14.88 -2.51
N LYS A 59 8.43 14.76 -3.05
CA LYS A 59 7.71 13.50 -3.09
C LYS A 59 7.91 12.87 -4.47
N MET A 60 8.18 11.57 -4.47
CA MET A 60 8.47 10.83 -5.70
C MET A 60 8.13 9.36 -5.54
N LEU A 61 8.14 8.64 -6.65
CA LEU A 61 7.82 7.23 -6.67
C LEU A 61 9.06 6.38 -6.50
N LYS A 62 8.89 5.19 -5.94
CA LYS A 62 9.93 4.19 -5.93
C LYS A 62 9.86 3.36 -7.22
N GLU A 63 10.87 2.51 -7.43
CA GLU A 63 11.03 1.80 -8.68
C GLU A 63 9.87 0.87 -8.98
N ASN A 64 9.25 0.34 -7.93
CA ASN A 64 8.18 -0.64 -8.08
CA ASN A 64 8.17 -0.63 -8.03
C ASN A 64 6.77 -0.01 -8.10
N ALA A 65 6.68 1.28 -8.43
CA ALA A 65 5.38 1.96 -8.45
C ALA A 65 4.35 1.31 -9.38
N SER A 66 3.10 1.26 -8.91
CA SER A 66 1.98 0.82 -9.73
C SER A 66 1.25 2.04 -10.28
N PRO A 67 0.31 1.83 -11.23
CA PRO A 67 -0.43 2.97 -11.76
C PRO A 67 -1.23 3.71 -10.70
N SER A 68 -1.65 3.02 -9.63
N SER A 68 -1.67 3.00 -9.65
CA SER A 68 -2.35 3.66 -8.53
CA SER A 68 -2.30 3.59 -8.48
C SER A 68 -1.50 4.74 -7.84
C SER A 68 -1.47 4.75 -7.93
N GLU A 69 -0.24 4.44 -7.58
CA GLU A 69 0.68 5.37 -6.93
C GLU A 69 1.00 6.54 -7.85
N LEU A 70 1.15 6.26 -9.14
CA LEU A 70 1.38 7.31 -10.13
C LEU A 70 0.16 8.24 -10.22
N ARG A 71 -1.02 7.65 -10.32
CA ARG A 71 -2.24 8.42 -10.34
C ARG A 71 -2.44 9.22 -9.05
N ASP A 72 -2.04 8.66 -7.91
CA ASP A 72 -2.13 9.41 -6.63
C ASP A 72 -1.18 10.61 -6.53
N LEU A 73 0.06 10.46 -6.99
CA LEU A 73 0.99 11.57 -7.03
C LEU A 73 0.47 12.65 -7.98
N LEU A 74 -0.04 12.26 -9.15
CA LEU A 74 -0.58 13.25 -10.09
C LEU A 74 -1.83 13.95 -9.54
N SER A 75 -2.69 13.24 -8.83
N SER A 75 -2.69 13.20 -8.87
CA SER A 75 -3.90 13.82 -8.28
CA SER A 75 -3.89 13.76 -8.23
C SER A 75 -3.62 14.79 -7.14
C SER A 75 -3.48 14.86 -7.26
N GLU A 76 -2.57 14.52 -6.36
CA GLU A 76 -2.11 15.41 -5.30
C GLU A 76 -1.56 16.71 -5.92
N PHE A 77 -0.75 16.56 -6.96
CA PHE A 77 -0.27 17.71 -7.70
C PHE A 77 -1.44 18.56 -8.19
N ASN A 78 -2.42 17.94 -8.85
CA ASN A 78 -3.57 18.66 -9.39
CA ASN A 78 -3.55 18.70 -9.40
C ASN A 78 -4.40 19.37 -8.33
N VAL A 79 -4.52 18.77 -7.15
CA VAL A 79 -5.24 19.42 -6.06
C VAL A 79 -4.48 20.59 -5.45
N LEU A 80 -3.18 20.39 -5.19
CA LEU A 80 -2.37 21.42 -4.53
C LEU A 80 -2.19 22.67 -5.41
N LYS A 81 -2.30 22.49 -6.73
CA LYS A 81 -2.36 23.61 -7.67
C LYS A 81 -3.50 24.57 -7.38
N GLN A 82 -4.63 24.06 -6.90
CA GLN A 82 -5.85 24.87 -6.79
C GLN A 82 -6.08 25.46 -5.40
N VAL A 83 -5.46 24.87 -4.38
CA VAL A 83 -5.67 25.26 -2.98
C VAL A 83 -4.52 26.08 -2.42
N ASN A 84 -4.87 27.13 -1.67
N ASN A 84 -4.87 27.12 -1.65
CA ASN A 84 -3.90 27.98 -1.00
CA ASN A 84 -3.90 27.99 -1.02
C ASN A 84 -4.47 28.41 0.33
C ASN A 84 -4.45 28.45 0.34
N HIS A 85 -3.84 27.97 1.42
CA HIS A 85 -4.32 28.28 2.76
C HIS A 85 -3.15 28.19 3.73
N PRO A 86 -3.13 29.07 4.77
CA PRO A 86 -2.09 29.05 5.80
C PRO A 86 -1.91 27.68 6.48
N HIS A 87 -2.94 26.85 6.51
CA HIS A 87 -2.85 25.53 7.12
C HIS A 87 -2.97 24.34 6.15
N VAL A 88 -2.61 24.56 4.89
CA VAL A 88 -2.53 23.48 3.91
C VAL A 88 -1.12 23.56 3.35
N ILE A 89 -0.46 22.41 3.20
CA ILE A 89 0.93 22.35 2.71
C ILE A 89 1.12 23.13 1.40
N LYS A 90 2.14 23.95 1.33
CA LYS A 90 2.38 24.71 0.10
C LYS A 90 3.06 23.87 -0.98
N LEU A 91 2.50 23.92 -2.18
CA LEU A 91 3.11 23.36 -3.36
C LEU A 91 3.97 24.43 -4.01
N TYR A 92 5.21 24.07 -4.35
CA TYR A 92 6.09 24.99 -5.06
C TYR A 92 6.15 24.69 -6.55
N GLY A 93 6.16 23.41 -6.91
CA GLY A 93 6.15 23.04 -8.30
C GLY A 93 6.47 21.57 -8.49
N ALA A 94 6.82 21.22 -9.72
CA ALA A 94 7.11 19.84 -10.05
C ALA A 94 8.13 19.76 -11.16
N CYS A 95 8.91 18.69 -11.15
CA CYS A 95 9.72 18.30 -12.29
C CYS A 95 9.05 17.08 -12.89
N SER A 96 8.52 17.28 -14.10
CA SER A 96 7.66 16.29 -14.71
C SER A 96 8.06 15.97 -16.15
N GLN A 97 9.17 16.53 -16.62
CA GLN A 97 9.54 16.34 -18.05
C GLN A 97 10.75 15.40 -18.30
N ASP A 98 11.95 15.83 -17.94
CA ASP A 98 13.15 15.05 -18.30
C ASP A 98 13.44 13.84 -17.39
N GLY A 99 12.40 13.12 -17.00
CA GLY A 99 12.59 11.96 -16.14
C GLY A 99 11.52 11.73 -15.11
N PRO A 100 11.92 11.32 -13.88
CA PRO A 100 10.99 10.99 -12.80
C PRO A 100 10.16 12.18 -12.36
N LEU A 101 8.88 11.93 -12.06
CA LEU A 101 8.01 12.97 -11.55
C LEU A 101 8.39 13.29 -10.10
N LEU A 102 8.74 14.56 -9.87
CA LEU A 102 9.12 15.04 -8.54
C LEU A 102 8.15 16.16 -8.17
N LEU A 103 7.44 15.98 -7.05
CA LEU A 103 6.59 17.01 -6.50
C LEU A 103 7.36 17.82 -5.48
N ILE A 104 7.44 19.13 -5.68
CA ILE A 104 8.16 19.99 -4.74
C ILE A 104 7.22 20.73 -3.81
N VAL A 105 7.27 20.36 -2.53
CA VAL A 105 6.40 20.95 -1.52
C VAL A 105 7.23 21.63 -0.40
N GLU A 106 6.53 22.43 0.40
CA GLU A 106 7.05 23.07 1.60
C GLU A 106 7.70 22.05 2.56
N TYR A 107 8.85 22.42 3.14
CA TYR A 107 9.52 21.59 4.15
C TYR A 107 9.00 22.00 5.52
N ALA A 108 8.56 21.02 6.31
CA ALA A 108 8.04 21.28 7.65
C ALA A 108 9.03 20.77 8.68
N LYS A 109 9.58 21.67 9.47
CA LYS A 109 10.75 21.33 10.23
C LYS A 109 10.52 20.34 11.36
N TYR A 110 9.31 20.29 11.91
CA TYR A 110 9.04 19.31 12.96
C TYR A 110 8.46 17.99 12.45
N GLY A 111 8.14 17.91 11.15
CA GLY A 111 7.64 16.65 10.58
C GLY A 111 6.17 16.39 10.88
N SER A 112 5.76 15.13 10.98
CA SER A 112 4.33 14.85 11.15
C SER A 112 3.87 15.16 12.55
N LEU A 113 2.59 15.54 12.66
CA LEU A 113 1.96 15.80 13.96
C LEU A 113 1.99 14.55 14.84
N ARG A 114 1.75 13.38 14.24
CA ARG A 114 1.84 12.15 15.02
C ARG A 114 3.23 12.01 15.66
N GLY A 115 4.27 12.19 14.83
CA GLY A 115 5.66 12.06 15.30
C GLY A 115 6.02 13.10 16.34
N PHE A 116 5.58 14.32 16.10
CA PHE A 116 5.82 15.43 17.00
C PHE A 116 5.20 15.19 18.37
N LEU A 117 3.96 14.70 18.40
CA LEU A 117 3.24 14.50 19.67
C LEU A 117 3.78 13.31 20.42
N ARG A 118 4.10 12.24 19.72
CA ARG A 118 4.73 11.10 20.36
C ARG A 118 6.09 11.48 20.95
N GLU A 119 6.87 12.31 20.25
CA GLU A 119 8.14 12.82 20.78
C GLU A 119 7.99 13.59 22.08
N SER A 120 6.93 14.40 22.20
CA SER A 120 6.63 15.15 23.42
C SER A 120 6.38 14.26 24.64
N ARG A 121 6.23 12.95 24.43
CA ARG A 121 6.14 11.98 25.54
C ARG A 121 7.50 11.71 26.23
N LYS A 122 8.59 11.88 25.48
CA LYS A 122 9.94 11.61 25.99
C LYS A 122 10.92 12.80 25.91
N VAL A 123 10.48 13.89 25.28
CA VAL A 123 11.31 15.07 25.10
C VAL A 123 10.71 16.22 25.88
N GLY A 124 11.51 16.76 26.80
CA GLY A 124 11.06 17.86 27.65
C GLY A 124 10.88 19.15 26.86
N PRO A 125 10.11 20.08 27.41
CA PRO A 125 9.45 19.89 28.70
C PRO A 125 8.27 18.93 28.63
N GLY A 126 7.80 18.61 27.42
CA GLY A 126 6.72 17.63 27.24
C GLY A 126 5.35 18.24 27.46
N TYR A 127 4.36 17.37 27.74
CA TYR A 127 3.00 17.79 28.01
C TYR A 127 2.84 18.26 29.46
N LEU A 128 2.39 19.51 29.62
CA LEU A 128 2.25 20.14 30.93
C LEU A 128 0.80 20.31 31.44
N GLY A 129 -0.18 19.89 30.64
CA GLY A 129 -1.59 19.91 31.06
C GLY A 129 -2.24 21.28 31.05
N PRO A 142 6.23 28.24 26.74
CA PRO A 142 7.09 29.20 26.05
C PRO A 142 7.89 28.52 24.93
N ASP A 143 8.36 27.30 25.22
CA ASP A 143 9.21 26.52 24.32
C ASP A 143 8.40 25.71 23.30
N GLU A 144 9.01 25.45 22.13
CA GLU A 144 8.39 24.65 21.06
C GLU A 144 8.06 23.22 21.50
N ARG A 145 8.86 22.68 22.43
CA ARG A 145 8.63 21.33 22.94
C ARG A 145 7.72 21.28 24.17
N ALA A 146 7.30 22.44 24.66
CA ALA A 146 6.44 22.52 25.85
C ALA A 146 4.99 22.62 25.40
N LEU A 147 4.18 21.65 25.81
CA LEU A 147 2.78 21.61 25.35
C LEU A 147 1.76 21.66 26.47
N THR A 148 0.82 22.58 26.34
CA THR A 148 -0.33 22.62 27.25
C THR A 148 -1.55 22.23 26.45
N MET A 149 -2.66 21.98 27.12
CA MET A 149 -3.94 21.69 26.45
C MET A 149 -4.36 22.85 25.54
N GLY A 150 -4.00 24.08 25.92
CA GLY A 150 -4.21 25.25 25.07
C GLY A 150 -3.52 25.12 23.71
N ASP A 151 -2.30 24.64 23.73
CA ASP A 151 -1.55 24.41 22.50
C ASP A 151 -2.24 23.35 21.64
N LEU A 152 -2.66 22.27 22.27
CA LEU A 152 -3.38 21.19 21.59
C LEU A 152 -4.70 21.68 20.96
N ILE A 153 -5.52 22.43 21.72
CA ILE A 153 -6.75 23.02 21.17
C ILE A 153 -6.44 23.90 19.96
N SER A 154 -5.33 24.62 20.02
CA SER A 154 -4.90 25.49 18.93
C SER A 154 -4.52 24.68 17.67
N PHE A 155 -3.82 23.56 17.85
CA PHE A 155 -3.48 22.68 16.75
C PHE A 155 -4.72 22.17 16.03
N ALA A 156 -5.67 21.69 16.83
CA ALA A 156 -6.96 21.20 16.33
C ALA A 156 -7.70 22.26 15.54
N TRP A 157 -7.62 23.49 16.05
CA TRP A 157 -8.34 24.62 15.43
C TRP A 157 -7.73 24.98 14.08
N GLN A 158 -6.40 25.01 14.00
CA GLN A 158 -5.70 25.33 12.74
C GLN A 158 -6.08 24.31 11.68
N ILE A 159 -6.07 23.03 12.06
CA ILE A 159 -6.50 21.97 11.16
C ILE A 159 -7.95 22.13 10.71
N SER A 160 -8.85 22.47 11.63
CA SER A 160 -10.27 22.61 11.32
CA SER A 160 -10.27 22.60 11.31
C SER A 160 -10.53 23.76 10.35
N GLN A 161 -9.76 24.84 10.48
CA GLN A 161 -9.86 25.99 9.55
C GLN A 161 -9.40 25.57 8.16
N GLY A 162 -8.36 24.73 8.09
CA GLY A 162 -7.87 24.24 6.81
C GLY A 162 -8.91 23.36 6.14
N MET A 163 -9.54 22.50 6.96
CA MET A 163 -10.60 21.61 6.51
C MET A 163 -11.85 22.39 6.06
N GLN A 164 -12.17 23.45 6.80
CA GLN A 164 -13.30 24.31 6.44
C GLN A 164 -13.11 24.86 5.02
N TYR A 165 -11.93 25.42 4.77
CA TYR A 165 -11.56 25.89 3.42
C TYR A 165 -11.58 24.76 2.38
N LEU A 166 -10.95 23.64 2.70
CA LEU A 166 -11.05 22.47 1.82
C LEU A 166 -12.49 22.07 1.44
N ALA A 167 -13.38 21.97 2.44
CA ALA A 167 -14.81 21.75 2.20
C ALA A 167 -15.45 22.85 1.33
N GLU A 168 -15.10 24.12 1.58
CA GLU A 168 -15.56 25.22 0.70
C GLU A 168 -15.08 25.08 -0.77
N MET A 169 -13.91 24.47 -0.95
N MET A 169 -13.90 24.46 -0.96
CA MET A 169 -13.35 24.24 -2.28
CA MET A 169 -13.33 24.24 -2.30
C MET A 169 -13.86 22.93 -2.90
C MET A 169 -14.00 23.05 -3.02
N LYS A 170 -14.95 22.40 -2.34
CA LYS A 170 -15.61 21.18 -2.82
C LYS A 170 -14.65 19.98 -2.93
N LEU A 171 -13.80 19.82 -1.92
CA LEU A 171 -12.91 18.67 -1.81
C LEU A 171 -13.24 17.84 -0.58
N VAL A 172 -13.06 16.53 -0.71
CA VAL A 172 -12.94 15.63 0.44
C VAL A 172 -11.49 15.13 0.49
N HIS A 173 -10.87 15.28 1.65
CA HIS A 173 -9.50 14.85 1.82
C HIS A 173 -9.50 13.33 1.87
N ARG A 174 -10.41 12.77 2.66
CA ARG A 174 -10.61 11.33 2.83
C ARG A 174 -9.58 10.66 3.77
N ASP A 175 -8.38 11.21 3.86
CA ASP A 175 -7.33 10.59 4.67
C ASP A 175 -6.79 11.49 5.81
N LEU A 176 -7.70 12.13 6.54
CA LEU A 176 -7.35 13.00 7.65
C LEU A 176 -6.91 12.17 8.84
N ALA A 177 -5.66 12.35 9.26
CA ALA A 177 -5.10 11.62 10.39
C ALA A 177 -3.85 12.35 10.87
N ALA A 178 -3.45 12.14 12.12
CA ALA A 178 -2.28 12.86 12.67
C ALA A 178 -1.00 12.60 11.89
N ARG A 179 -0.93 11.46 11.22
CA ARG A 179 0.24 11.15 10.40
C ARG A 179 0.28 12.01 9.13
N ASN A 180 -0.87 12.56 8.71
CA ASN A 180 -0.95 13.39 7.49
C ASN A 180 -1.02 14.89 7.74
N ILE A 181 -0.80 15.30 8.98
CA ILE A 181 -0.67 16.72 9.32
C ILE A 181 0.83 16.93 9.56
N LEU A 182 1.36 17.99 8.98
CA LEU A 182 2.76 18.31 9.14
C LEU A 182 2.88 19.52 10.06
N VAL A 183 3.97 19.60 10.81
CA VAL A 183 4.20 20.68 11.78
C VAL A 183 5.37 21.52 11.30
N ALA A 184 5.10 22.76 10.95
CA ALA A 184 6.09 23.63 10.34
C ALA A 184 6.63 24.64 11.34
N GLU A 185 7.60 25.43 10.89
CA GLU A 185 8.19 26.51 11.67
C GLU A 185 7.14 27.29 12.47
N GLY A 186 7.38 27.45 13.76
CA GLY A 186 6.44 28.14 14.64
C GLY A 186 5.27 27.26 15.05
N ARG A 187 5.45 25.94 14.92
CA ARG A 187 4.41 24.95 15.17
C ARG A 187 3.08 25.23 14.47
N LYS A 188 3.13 25.60 13.19
CA LYS A 188 1.92 25.75 12.38
C LYS A 188 1.51 24.40 11.79
N MET A 189 0.21 24.10 11.77
CA MET A 189 -0.27 22.83 11.23
C MET A 189 -0.45 22.95 9.71
N LYS A 190 -0.03 21.94 8.97
CA LYS A 190 -0.24 21.90 7.50
C LYS A 190 -0.89 20.59 7.14
N ILE A 191 -2.15 20.65 6.69
CA ILE A 191 -2.79 19.46 6.16
C ILE A 191 -1.99 19.05 4.94
N SER A 192 -1.65 17.78 4.84
CA SER A 192 -0.93 17.28 3.69
C SER A 192 -1.45 15.91 3.25
N ASP A 193 -0.75 15.29 2.30
CA ASP A 193 -1.10 13.98 1.75
C ASP A 193 -2.48 14.01 1.07
N PHE A 194 -2.49 14.62 -0.11
CA PHE A 194 -3.69 14.84 -0.89
C PHE A 194 -3.86 13.78 -1.99
N GLY A 195 -3.09 12.70 -1.91
CA GLY A 195 -3.15 11.65 -2.93
C GLY A 195 -4.53 11.02 -3.12
N LEU A 196 -5.29 10.94 -2.02
CA LEU A 196 -6.59 10.28 -2.01
C LEU A 196 -7.78 11.23 -2.06
N SER A 197 -7.51 12.53 -2.06
CA SER A 197 -8.60 13.50 -1.97
C SER A 197 -9.34 13.60 -3.30
N ARG A 198 -10.64 13.89 -3.25
CA ARG A 198 -11.47 13.84 -4.43
C ARG A 198 -12.40 15.04 -4.51
N ASP A 199 -12.77 15.41 -5.74
CA ASP A 199 -13.71 16.50 -5.99
C ASP A 199 -15.12 16.02 -5.71
N VAL A 200 -15.95 16.88 -5.11
CA VAL A 200 -17.35 16.52 -4.88
C VAL A 200 -18.33 17.60 -5.35
N TYR A 201 -17.94 18.38 -6.36
CA TYR A 201 -18.82 19.45 -6.85
C TYR A 201 -20.21 18.96 -7.25
N GLU A 202 -20.29 17.78 -7.86
CA GLU A 202 -21.60 17.22 -8.15
C GLU A 202 -21.95 16.09 -7.20
N GLU A 203 -23.10 16.26 -6.55
CA GLU A 203 -23.70 15.33 -5.58
C GLU A 203 -23.25 15.58 -4.14
N ASP A 204 -22.21 16.38 -3.96
CA ASP A 204 -21.56 16.59 -2.65
C ASP A 204 -21.12 15.28 -1.98
N SER A 205 -20.96 14.24 -2.79
CA SER A 205 -20.43 12.96 -2.35
C SER A 205 -19.47 12.41 -3.39
N TYR A 206 -18.50 11.64 -2.93
CA TYR A 206 -17.66 10.85 -3.79
C TYR A 206 -17.87 9.38 -3.44
N VAL A 207 -18.18 8.58 -4.46
CA VAL A 207 -18.46 7.15 -4.29
C VAL A 207 -17.62 6.37 -5.30
N LYS A 208 -16.97 5.30 -4.88
CA LYS A 208 -16.43 4.38 -5.85
C LYS A 208 -16.87 2.95 -5.58
N ARG A 209 -16.97 2.19 -6.65
CA ARG A 209 -17.39 0.82 -6.66
C ARG A 209 -16.46 -0.09 -5.85
N SER A 210 -15.15 0.11 -6.00
CA SER A 210 -14.19 -0.75 -5.31
C SER A 210 -13.73 -0.19 -3.97
N GLN A 211 -12.89 -0.96 -3.30
CA GLN A 211 -12.47 -0.71 -1.92
C GLN A 211 -11.52 0.46 -1.86
N GLY A 212 -11.58 1.21 -0.75
CA GLY A 212 -10.68 2.35 -0.58
C GLY A 212 -9.33 1.97 0.02
N ARG A 213 -8.41 2.93 -0.02
CA ARG A 213 -7.06 2.74 0.53
C ARG A 213 -6.79 3.56 1.81
N ILE A 214 -7.86 4.01 2.45
CA ILE A 214 -7.76 4.72 3.75
C ILE A 214 -7.81 3.69 4.89
N PRO A 215 -6.93 3.82 5.89
CA PRO A 215 -6.97 2.86 7.01
C PRO A 215 -8.36 2.80 7.64
N VAL A 216 -8.85 1.57 7.81
CA VAL A 216 -10.16 1.32 8.41
C VAL A 216 -10.40 2.18 9.64
N LYS A 217 -9.41 2.30 10.52
CA LYS A 217 -9.67 2.94 11.83
C LYS A 217 -9.94 4.45 11.79
N TRP A 218 -9.74 5.08 10.64
CA TRP A 218 -10.04 6.51 10.47
C TRP A 218 -11.28 6.76 9.62
N MET A 219 -11.88 5.67 9.12
CA MET A 219 -13.05 5.72 8.23
C MET A 219 -14.41 5.86 8.89
N ALA A 220 -15.24 6.74 8.32
CA ALA A 220 -16.62 6.88 8.76
C ALA A 220 -17.38 5.58 8.47
N ILE A 221 -18.38 5.32 9.31
CA ILE A 221 -19.26 4.18 9.16
C ILE A 221 -19.89 4.05 7.75
N GLU A 222 -20.42 5.14 7.18
CA GLU A 222 -20.94 5.10 5.79
C GLU A 222 -19.84 5.03 4.72
N SER A 223 -18.60 5.33 5.07
CA SER A 223 -17.52 5.14 4.12
C SER A 223 -17.23 3.66 4.10
N LEU A 224 -17.22 3.06 5.29
CA LEU A 224 -16.94 1.64 5.46
C LEU A 224 -17.92 0.69 4.80
N PHE A 225 -19.22 0.90 5.04
CA PHE A 225 -20.27 0.01 4.58
C PHE A 225 -20.82 0.42 3.23
N ASP A 226 -20.85 1.73 2.97
CA ASP A 226 -21.52 2.25 1.78
C ASP A 226 -20.63 2.85 0.68
N HIS A 227 -19.33 2.95 0.96
CA HIS A 227 -18.35 3.55 0.02
C HIS A 227 -18.64 5.03 -0.28
N ILE A 228 -19.22 5.73 0.68
CA ILE A 228 -19.60 7.11 0.48
C ILE A 228 -18.67 8.02 1.25
N TYR A 229 -18.17 9.06 0.59
CA TYR A 229 -17.28 10.06 1.19
C TYR A 229 -17.84 11.45 0.92
N THR A 230 -18.08 12.18 2.02
CA THR A 230 -18.61 13.53 2.00
C THR A 230 -17.77 14.29 3.00
N THR A 231 -18.00 15.59 3.10
CA THR A 231 -17.35 16.42 4.09
CA THR A 231 -17.31 16.39 4.10
C THR A 231 -17.67 15.87 5.48
N GLN A 232 -18.86 15.29 5.63
CA GLN A 232 -19.24 14.76 6.93
CA GLN A 232 -19.32 14.68 6.90
C GLN A 232 -18.48 13.46 7.28
N SER A 233 -17.94 12.75 6.29
CA SER A 233 -17.04 11.64 6.64
C SER A 233 -15.63 12.16 6.97
N ASP A 234 -15.21 13.26 6.33
CA ASP A 234 -14.03 14.01 6.79
C ASP A 234 -14.17 14.46 8.26
N VAL A 235 -15.37 14.94 8.63
CA VAL A 235 -15.66 15.26 10.03
C VAL A 235 -15.46 14.08 10.98
N TRP A 236 -15.96 12.90 10.60
CA TRP A 236 -15.71 11.69 11.39
C TRP A 236 -14.20 11.49 11.61
N SER A 237 -13.44 11.52 10.51
CA SER A 237 -11.99 11.35 10.56
C SER A 237 -11.35 12.41 11.47
N PHE A 238 -11.85 13.65 11.38
CA PHE A 238 -11.37 14.71 12.25
C PHE A 238 -11.53 14.37 13.74
N GLY A 239 -12.62 13.67 14.10
CA GLY A 239 -12.87 13.28 15.47
C GLY A 239 -11.80 12.31 15.94
N VAL A 240 -11.41 11.40 15.05
CA VAL A 240 -10.36 10.42 15.34
C VAL A 240 -9.05 11.15 15.48
N LEU A 241 -8.81 12.13 14.61
CA LEU A 241 -7.61 12.95 14.72
C LEU A 241 -7.55 13.67 16.09
N LEU A 242 -8.67 14.27 16.49
CA LEU A 242 -8.82 14.89 17.81
C LEU A 242 -8.42 13.96 18.95
N TRP A 243 -8.90 12.73 18.88
CA TRP A 243 -8.54 11.68 19.82
C TRP A 243 -7.01 11.44 19.79
N GLU A 244 -6.43 11.38 18.61
CA GLU A 244 -4.98 11.26 18.44
C GLU A 244 -4.23 12.40 19.11
N ILE A 245 -4.74 13.62 18.97
CA ILE A 245 -4.10 14.80 19.53
C ILE A 245 -4.08 14.78 21.06
N VAL A 246 -5.22 14.50 21.69
N VAL A 246 -5.24 14.53 21.67
CA VAL A 246 -5.32 14.56 23.15
CA VAL A 246 -5.39 14.52 23.11
C VAL A 246 -4.81 13.31 23.87
C VAL A 246 -4.53 13.44 23.76
N THR A 247 -4.47 12.27 23.12
CA THR A 247 -3.74 11.14 23.65
C THR A 247 -2.24 11.28 23.30
N LEU A 248 -1.86 12.43 22.75
CA LEU A 248 -0.50 12.71 22.30
C LEU A 248 0.02 11.62 21.37
N GLY A 249 -0.74 11.35 20.32
CA GLY A 249 -0.31 10.42 19.27
C GLY A 249 -0.56 8.95 19.58
N GLY A 250 -1.61 8.65 20.33
CA GLY A 250 -1.98 7.25 20.57
C GLY A 250 -2.59 6.56 19.36
N ASN A 251 -2.72 5.24 19.42
CA ASN A 251 -3.30 4.44 18.35
C ASN A 251 -4.77 4.18 18.62
N PRO A 252 -5.63 4.55 17.67
CA PRO A 252 -7.09 4.42 17.80
C PRO A 252 -7.55 2.98 17.96
N TYR A 253 -8.68 2.81 18.66
CA TYR A 253 -9.25 1.49 18.95
C TYR A 253 -8.13 0.55 19.39
N PRO A 254 -7.46 0.91 20.49
CA PRO A 254 -6.26 0.19 20.94
C PRO A 254 -6.50 -1.32 21.06
N GLY A 255 -5.69 -2.10 20.35
CA GLY A 255 -5.77 -3.56 20.41
C GLY A 255 -6.95 -4.22 19.69
N ILE A 256 -7.74 -3.43 18.95
CA ILE A 256 -8.86 -4.02 18.21
C ILE A 256 -8.44 -4.24 16.76
N PRO A 257 -8.54 -5.49 16.27
CA PRO A 257 -8.31 -5.79 14.84
C PRO A 257 -9.20 -4.95 13.93
N PRO A 258 -8.61 -4.39 12.86
CA PRO A 258 -9.34 -3.59 11.85
C PRO A 258 -10.65 -4.24 11.42
N GLU A 259 -10.62 -5.56 11.22
CA GLU A 259 -11.77 -6.36 10.78
C GLU A 259 -12.97 -6.32 11.74
N ARG A 260 -12.68 -6.14 13.03
CA ARG A 260 -13.72 -6.07 14.06
C ARG A 260 -14.45 -4.74 14.06
N LEU A 261 -13.90 -3.73 13.39
CA LEU A 261 -14.53 -2.40 13.35
C LEU A 261 -15.90 -2.37 12.71
N PHE A 262 -16.14 -3.25 11.74
CA PHE A 262 -17.44 -3.33 11.08
C PHE A 262 -18.56 -3.58 12.10
N ASN A 263 -18.51 -4.72 12.76
CA ASN A 263 -19.55 -5.03 13.72
C ASN A 263 -19.55 -4.04 14.92
N LEU A 264 -18.38 -3.66 15.38
CA LEU A 264 -18.27 -2.78 16.54
C LEU A 264 -18.89 -1.38 16.32
N LEU A 265 -18.63 -0.75 15.17
CA LEU A 265 -19.20 0.57 14.89
C LEU A 265 -20.71 0.54 14.66
N LYS A 266 -21.18 -0.57 14.09
CA LYS A 266 -22.58 -0.74 13.74
C LYS A 266 -23.42 -0.88 15.00
N THR A 267 -22.87 -1.60 15.99
CA THR A 267 -23.53 -1.81 17.25
C THR A 267 -23.46 -0.59 18.17
N GLY A 268 -22.74 0.46 17.75
CA GLY A 268 -22.74 1.73 18.47
C GLY A 268 -21.57 2.01 19.40
N HIS A 269 -20.60 1.11 19.47
CA HIS A 269 -19.38 1.36 20.24
C HIS A 269 -18.51 2.48 19.59
N ARG A 270 -18.01 3.38 20.43
CA ARG A 270 -17.07 4.42 20.01
C ARG A 270 -15.92 4.40 21.00
N MET A 271 -14.79 5.02 20.64
CA MET A 271 -13.67 5.09 21.58
C MET A 271 -14.08 5.78 22.88
N GLU A 272 -13.49 5.34 23.98
CA GLU A 272 -13.73 5.92 25.30
C GLU A 272 -13.05 7.27 25.46
N ARG A 273 -13.55 8.05 26.41
CA ARG A 273 -12.94 9.32 26.74
C ARG A 273 -11.56 9.08 27.32
N PRO A 274 -10.51 9.62 26.67
CA PRO A 274 -9.13 9.47 27.14
C PRO A 274 -8.82 10.36 28.33
N ASP A 275 -7.64 10.20 28.90
CA ASP A 275 -7.35 10.71 30.24
C ASP A 275 -7.27 12.23 30.43
N ASN A 276 -6.55 12.94 29.56
CA ASN A 276 -6.49 14.41 29.70
C ASN A 276 -7.49 15.16 28.83
N CYS A 277 -8.62 14.50 28.58
CA CYS A 277 -9.67 15.03 27.72
C CYS A 277 -10.80 15.59 28.57
N SER A 278 -11.21 16.83 28.28
CA SER A 278 -12.34 17.43 28.99
C SER A 278 -13.66 16.85 28.49
N GLU A 279 -14.72 17.11 29.26
CA GLU A 279 -16.04 16.65 28.88
C GLU A 279 -16.49 17.31 27.56
N GLU A 280 -16.22 18.61 27.42
CA GLU A 280 -16.59 19.36 26.21
C GLU A 280 -15.82 18.83 25.01
N MET A 281 -14.53 18.57 25.22
CA MET A 281 -13.69 18.03 24.16
C MET A 281 -14.18 16.64 23.73
N TYR A 282 -14.57 15.82 24.70
CA TYR A 282 -15.10 14.49 24.39
C TYR A 282 -16.47 14.57 23.71
N ARG A 283 -17.30 15.51 24.15
CA ARG A 283 -18.60 15.72 23.52
C ARG A 283 -18.43 16.06 22.03
N LEU A 284 -17.39 16.82 21.70
CA LEU A 284 -17.11 17.18 20.29
C LEU A 284 -16.77 15.96 19.45
N MET A 285 -15.90 15.09 19.97
CA MET A 285 -15.52 13.83 19.30
C MET A 285 -16.74 12.97 19.03
N LEU A 286 -17.50 12.70 20.09
CA LEU A 286 -18.72 11.91 20.00
C LEU A 286 -19.68 12.42 18.93
N GLN A 287 -19.79 13.74 18.84
CA GLN A 287 -20.64 14.39 17.85
CA GLN A 287 -20.67 14.35 17.85
C GLN A 287 -20.11 14.09 16.43
N CYS A 288 -18.77 14.11 16.28
CA CYS A 288 -18.13 13.73 15.00
C CYS A 288 -18.38 12.27 14.62
N TRP A 289 -18.70 11.43 15.60
CA TRP A 289 -18.93 10.00 15.36
C TRP A 289 -20.41 9.52 15.40
N LYS A 290 -21.35 10.47 15.30
CA LYS A 290 -22.77 10.15 15.10
C LYS A 290 -22.96 9.23 13.90
N GLN A 291 -23.76 8.19 14.06
CA GLN A 291 -24.08 7.32 12.95
C GLN A 291 -24.68 8.12 11.78
N GLU A 292 -25.66 8.98 12.08
CA GLU A 292 -26.31 9.77 11.02
C GLU A 292 -25.42 10.98 10.62
N PRO A 293 -24.95 11.00 9.37
CA PRO A 293 -23.98 12.03 8.98
C PRO A 293 -24.50 13.48 9.12
N ASP A 294 -25.82 13.66 8.96
CA ASP A 294 -26.51 14.94 9.20
C ASP A 294 -26.32 15.50 10.62
N LYS A 295 -26.15 14.61 11.59
CA LYS A 295 -26.11 15.00 13.00
C LYS A 295 -24.73 15.45 13.46
N ARG A 296 -23.73 15.19 12.62
CA ARG A 296 -22.34 15.59 12.87
C ARG A 296 -22.20 17.10 12.65
N PRO A 297 -21.35 17.76 13.44
CA PRO A 297 -21.06 19.18 13.23
C PRO A 297 -20.38 19.46 11.87
N VAL A 298 -20.56 20.66 11.32
CA VAL A 298 -19.78 21.04 10.14
C VAL A 298 -18.49 21.68 10.63
N PHE A 299 -17.50 21.82 9.75
CA PHE A 299 -16.14 22.26 10.15
C PHE A 299 -16.15 23.67 10.74
N ALA A 300 -16.95 24.55 10.15
CA ALA A 300 -17.24 25.87 10.71
C ALA A 300 -17.68 25.81 12.19
N ASP A 301 -18.55 24.86 12.55
CA ASP A 301 -19.04 24.75 13.94
C ASP A 301 -18.03 24.07 14.84
N ILE A 302 -17.23 23.17 14.27
CA ILE A 302 -16.09 22.61 14.99
C ILE A 302 -15.12 23.73 15.37
N SER A 303 -14.83 24.63 14.44
CA SER A 303 -13.93 25.77 14.71
C SER A 303 -14.45 26.68 15.82
N LYS A 304 -15.74 27.01 15.78
CA LYS A 304 -16.39 27.82 16.82
C LYS A 304 -16.25 27.13 18.20
N ASP A 305 -16.61 25.84 18.31
CA ASP A 305 -16.41 25.10 19.56
C ASP A 305 -14.98 25.17 20.09
N LEU A 306 -13.99 25.02 19.21
CA LEU A 306 -12.59 25.09 19.64
C LEU A 306 -12.19 26.50 20.09
N GLU A 307 -12.68 27.51 19.36
CA GLU A 307 -12.45 28.90 19.75
C GLU A 307 -12.99 29.15 21.17
N LYS A 308 -14.19 28.68 21.45
CA LYS A 308 -14.79 28.89 22.76
C LYS A 308 -14.02 28.15 23.86
N MET A 309 -13.65 26.90 23.61
CA MET A 309 -12.80 26.14 24.54
C MET A 309 -11.53 26.91 24.90
N MET A 310 -10.88 27.48 23.90
CA MET A 310 -9.62 28.18 24.10
C MET A 310 -9.73 29.41 25.01
N VAL A 311 -10.73 30.23 24.74
CA VAL A 311 -10.89 31.51 25.44
C VAL A 311 -11.42 31.34 26.87
N LYS A 312 -12.06 30.21 27.15
CA LYS A 312 -12.51 29.92 28.51
C LYS A 312 -11.43 29.23 29.38
N ARG A 313 -10.18 29.67 29.24
N ARG A 313 -10.17 29.64 29.22
CA ARG A 313 -9.05 29.08 29.96
CA ARG A 313 -9.07 29.07 30.01
C ARG A 313 -8.06 30.13 30.45
C ARG A 313 -7.85 30.00 30.05
N GLY B 1 -21.51 -3.22 2.26
CA GLY B 1 -20.77 -3.14 0.95
C GLY B 1 -20.13 -4.48 0.71
N PRO B 2 -19.44 -4.66 -0.42
CA PRO B 2 -18.94 -6.02 -0.71
C PRO B 2 -18.01 -6.58 0.37
N LEU B 3 -17.23 -5.71 1.00
CA LEU B 3 -16.28 -6.17 1.99
C LEU B 3 -16.94 -6.57 3.30
N SER B 4 -17.85 -5.75 3.81
CA SER B 4 -18.54 -6.09 5.06
C SER B 4 -19.30 -7.42 4.94
N LEU B 5 -19.83 -7.72 3.75
CA LEU B 5 -20.44 -9.04 3.49
C LEU B 5 -19.44 -10.18 3.59
N SER B 6 -18.27 -10.02 2.96
CA SER B 6 -17.24 -11.07 2.97
C SER B 6 -16.72 -11.23 4.37
N VAL B 7 -16.45 -10.11 5.04
CA VAL B 7 -15.97 -10.13 6.43
C VAL B 7 -16.90 -10.95 7.31
N ASP B 8 -18.18 -10.63 7.25
CA ASP B 8 -19.21 -11.29 8.02
C ASP B 8 -19.37 -12.80 7.65
N ALA B 9 -19.43 -13.12 6.35
CA ALA B 9 -19.42 -14.53 5.91
C ALA B 9 -18.22 -15.28 6.50
N PHE B 10 -17.06 -14.65 6.42
CA PHE B 10 -15.81 -15.23 6.87
C PHE B 10 -15.81 -15.49 8.37
N LYS B 11 -16.41 -14.57 9.13
CA LYS B 11 -16.44 -14.67 10.60
C LYS B 11 -17.50 -15.63 11.14
N ILE B 12 -18.29 -16.22 10.25
CA ILE B 12 -19.24 -17.27 10.61
C ILE B 12 -18.60 -18.64 10.40
N LEU B 13 -19.08 -19.66 11.11
CA LEU B 13 -18.61 -21.03 10.93
C LEU B 13 -19.33 -21.74 9.77
N GLU B 14 -18.94 -21.42 8.54
CA GLU B 14 -19.54 -22.00 7.34
C GLU B 14 -18.64 -23.02 6.64
N ASP B 15 -17.33 -22.91 6.83
CA ASP B 15 -16.36 -23.82 6.21
C ASP B 15 -15.55 -24.58 7.26
N PRO B 16 -16.14 -25.67 7.84
CA PRO B 16 -15.46 -26.45 8.89
C PRO B 16 -14.18 -27.12 8.40
N LYS B 17 -14.11 -27.35 7.10
CA LYS B 17 -12.93 -27.94 6.44
C LYS B 17 -11.69 -27.05 6.55
N TRP B 18 -11.88 -25.73 6.53
CA TRP B 18 -10.77 -24.80 6.49
C TRP B 18 -10.52 -24.07 7.81
N GLU B 19 -11.47 -24.10 8.73
CA GLU B 19 -11.28 -23.44 10.02
C GLU B 19 -10.28 -24.22 10.87
N PHE B 20 -9.28 -23.51 11.38
CA PHE B 20 -8.29 -24.12 12.27
C PHE B 20 -8.45 -23.53 13.68
N PRO B 21 -8.49 -24.39 14.73
CA PRO B 21 -8.61 -23.91 16.12
C PRO B 21 -7.43 -23.03 16.53
N ARG B 22 -7.71 -21.82 16.99
CA ARG B 22 -6.65 -20.84 17.28
C ARG B 22 -5.66 -21.32 18.36
N LYS B 23 -6.17 -22.05 19.34
CA LYS B 23 -5.34 -22.57 20.42
C LYS B 23 -4.25 -23.54 19.92
N ASN B 24 -4.39 -24.05 18.70
CA ASN B 24 -3.43 -25.01 18.13
C ASN B 24 -2.34 -24.35 17.30
N LEU B 25 -2.35 -23.01 17.29
CA LEU B 25 -1.41 -22.21 16.51
C LEU B 25 -0.44 -21.35 17.36
N VAL B 26 0.84 -21.59 17.16
CA VAL B 26 1.90 -20.98 17.94
C VAL B 26 2.76 -20.16 16.97
N LEU B 27 2.73 -18.83 17.11
CA LEU B 27 3.36 -17.92 16.16
C LEU B 27 4.79 -17.63 16.56
N GLY B 28 5.67 -17.66 15.57
CA GLY B 28 7.11 -17.52 15.80
C GLY B 28 7.64 -16.30 15.10
N LYS B 29 8.82 -16.41 14.51
CA LYS B 29 9.52 -15.23 13.99
C LYS B 29 8.86 -14.63 12.73
N THR B 30 9.12 -13.35 12.51
CA THR B 30 8.61 -12.65 11.34
C THR B 30 9.41 -13.04 10.10
N LEU B 31 8.71 -13.51 9.07
CA LEU B 31 9.34 -13.90 7.82
C LEU B 31 9.40 -12.71 6.86
N GLY B 32 8.50 -11.74 7.04
CA GLY B 32 8.45 -10.60 6.15
C GLY B 32 7.39 -9.64 6.62
N GLU B 33 7.58 -8.36 6.33
CA GLU B 33 6.72 -7.34 6.89
C GLU B 33 6.64 -6.14 5.97
N GLY B 34 5.42 -5.71 5.70
CA GLY B 34 5.17 -4.46 5.00
C GLY B 34 4.53 -3.47 5.96
N GLU B 35 3.98 -2.39 5.43
CA GLU B 35 3.40 -1.37 6.30
C GLU B 35 2.09 -1.83 6.98
N PHE B 36 1.26 -2.56 6.22
CA PHE B 36 -0.09 -2.92 6.70
C PHE B 36 -0.34 -4.43 6.82
N GLY B 37 0.71 -5.23 6.54
CA GLY B 37 0.62 -6.69 6.56
C GLY B 37 1.91 -7.42 6.91
N LYS B 38 1.79 -8.65 7.37
CA LYS B 38 2.92 -9.35 7.97
C LYS B 38 2.84 -10.84 7.70
N VAL B 39 3.98 -11.50 7.56
CA VAL B 39 4.03 -12.97 7.51
C VAL B 39 4.96 -13.52 8.61
N VAL B 40 4.44 -14.39 9.46
CA VAL B 40 5.25 -15.04 10.49
C VAL B 40 5.30 -16.55 10.30
N LYS B 41 6.38 -17.15 10.78
CA LYS B 41 6.51 -18.58 10.81
C LYS B 41 5.70 -19.06 11.99
N ALA B 42 5.21 -20.29 11.93
CA ALA B 42 4.38 -20.84 12.99
C ALA B 42 4.43 -22.33 13.01
N THR B 43 3.99 -22.89 14.12
CA THR B 43 3.75 -24.33 14.22
C THR B 43 2.28 -24.52 14.50
N ALA B 44 1.72 -25.55 13.87
CA ALA B 44 0.31 -25.82 13.94
C ALA B 44 0.17 -27.27 14.35
N PHE B 45 -0.54 -27.48 15.46
CA PHE B 45 -0.80 -28.81 15.98
C PHE B 45 -2.00 -29.43 15.29
N HIS B 46 -1.89 -30.70 14.89
CA HIS B 46 -3.00 -31.44 14.24
C HIS B 46 -3.65 -30.64 13.12
N LEU B 47 -2.82 -30.10 12.25
CA LEU B 47 -3.29 -29.42 11.06
C LEU B 47 -3.69 -30.44 9.99
N LYS B 48 -4.97 -30.41 9.59
CA LYS B 48 -5.46 -31.26 8.49
C LYS B 48 -5.21 -32.74 8.78
N GLY B 49 -5.54 -33.18 9.98
CA GLY B 49 -5.31 -34.56 10.40
C GLY B 49 -3.87 -35.05 10.40
N ARG B 50 -2.90 -34.14 10.46
CA ARG B 50 -1.46 -34.50 10.54
C ARG B 50 -0.97 -34.58 11.99
N ALA B 51 -0.22 -35.64 12.31
CA ALA B 51 0.36 -35.86 13.62
C ALA B 51 1.31 -34.74 14.06
N GLY B 52 1.20 -34.32 15.32
CA GLY B 52 2.15 -33.36 15.89
C GLY B 52 2.08 -31.96 15.29
N TYR B 53 3.24 -31.30 15.23
CA TYR B 53 3.34 -29.92 14.79
C TYR B 53 3.81 -29.86 13.35
N THR B 54 3.09 -29.09 12.54
CA THR B 54 3.46 -28.82 11.15
C THR B 54 3.89 -27.36 11.07
N THR B 55 5.05 -27.13 10.47
CA THR B 55 5.56 -25.80 10.21
C THR B 55 4.81 -25.13 9.06
N VAL B 56 4.29 -23.93 9.32
CA VAL B 56 3.46 -23.18 8.38
C VAL B 56 3.88 -21.71 8.36
N ALA B 57 3.34 -20.95 7.42
CA ALA B 57 3.50 -19.50 7.40
C ALA B 57 2.12 -18.90 7.65
N VAL B 58 2.05 -17.81 8.41
CA VAL B 58 0.76 -17.17 8.70
C VAL B 58 0.78 -15.74 8.17
N LYS B 59 -0.24 -15.40 7.39
CA LYS B 59 -0.37 -14.08 6.80
C LYS B 59 -1.45 -13.38 7.59
N MET B 60 -1.22 -12.10 7.84
CA MET B 60 -2.11 -11.31 8.69
C MET B 60 -1.93 -9.82 8.43
N LEU B 61 -2.93 -9.04 8.82
CA LEU B 61 -2.92 -7.61 8.65
C LEU B 61 -2.29 -6.92 9.84
N LYS B 62 -1.83 -5.69 9.61
CA LYS B 62 -1.42 -4.82 10.68
C LYS B 62 -2.52 -3.79 10.93
N GLU B 63 -2.40 -3.05 12.03
CA GLU B 63 -3.49 -2.23 12.57
C GLU B 63 -3.96 -1.08 11.67
N ASN B 64 -3.09 -0.58 10.80
CA ASN B 64 -3.47 0.47 9.87
C ASN B 64 -3.96 -0.08 8.53
N ALA B 65 -4.39 -1.33 8.51
CA ALA B 65 -4.89 -1.91 7.27
C ALA B 65 -6.13 -1.15 6.77
N SER B 66 -6.19 -1.01 5.45
CA SER B 66 -7.30 -0.38 4.76
C SER B 66 -8.23 -1.47 4.24
N PRO B 67 -9.41 -1.10 3.78
CA PRO B 67 -10.32 -2.06 3.20
C PRO B 67 -9.70 -2.78 2.01
N SER B 68 -8.84 -2.13 1.26
CA SER B 68 -8.18 -2.82 0.18
C SER B 68 -7.24 -3.95 0.67
N GLU B 69 -6.60 -3.80 1.81
CA GLU B 69 -5.88 -4.91 2.40
C GLU B 69 -6.73 -6.09 2.83
N LEU B 70 -7.80 -5.80 3.53
CA LEU B 70 -8.72 -6.80 4.00
C LEU B 70 -9.29 -7.59 2.82
N ARG B 71 -9.71 -6.87 1.79
CA ARG B 71 -10.15 -7.46 0.56
C ARG B 71 -9.15 -8.41 -0.09
N ASP B 72 -7.91 -8.00 -0.29
CA ASP B 72 -6.81 -8.83 -0.85
C ASP B 72 -6.64 -10.16 -0.10
N LEU B 73 -6.60 -10.07 1.23
CA LEU B 73 -6.39 -11.25 2.08
C LEU B 73 -7.57 -12.22 1.97
N LEU B 74 -8.79 -11.71 2.11
CA LEU B 74 -9.98 -12.56 1.97
C LEU B 74 -10.13 -13.18 0.59
N SER B 75 -9.84 -12.38 -0.43
CA SER B 75 -9.84 -12.81 -1.81
C SER B 75 -8.79 -13.91 -2.09
N GLU B 76 -7.60 -13.78 -1.53
CA GLU B 76 -6.58 -14.83 -1.59
C GLU B 76 -7.10 -16.13 -0.97
N PHE B 77 -7.71 -16.02 0.21
CA PHE B 77 -8.31 -17.18 0.87
C PHE B 77 -9.33 -17.88 -0.03
N ASN B 78 -10.19 -17.10 -0.68
CA ASN B 78 -11.20 -17.70 -1.52
CA ASN B 78 -11.22 -17.60 -1.59
C ASN B 78 -10.64 -18.35 -2.79
N VAL B 79 -9.58 -17.78 -3.35
CA VAL B 79 -8.91 -18.37 -4.51
C VAL B 79 -8.12 -19.64 -4.13
N LEU B 80 -7.39 -19.59 -3.03
CA LEU B 80 -6.53 -20.71 -2.63
C LEU B 80 -7.32 -21.97 -2.25
N LYS B 81 -8.59 -21.79 -1.90
CA LYS B 81 -9.49 -22.91 -1.60
C LYS B 81 -9.80 -23.81 -2.79
N GLN B 82 -9.84 -23.20 -3.97
CA GLN B 82 -10.24 -23.86 -5.21
C GLN B 82 -9.05 -24.42 -5.97
N VAL B 83 -7.86 -24.29 -5.40
CA VAL B 83 -6.60 -24.50 -6.13
C VAL B 83 -5.76 -25.63 -5.51
N ASN B 84 -5.27 -26.52 -6.36
CA ASN B 84 -4.42 -27.61 -5.91
C ASN B 84 -3.40 -27.98 -6.97
N HIS B 85 -2.14 -27.66 -6.73
CA HIS B 85 -1.07 -27.98 -7.67
C HIS B 85 0.28 -27.98 -6.93
N PRO B 86 1.20 -28.91 -7.29
CA PRO B 86 2.54 -28.98 -6.69
C PRO B 86 3.37 -27.70 -6.81
N HIS B 87 3.03 -26.82 -7.74
CA HIS B 87 3.77 -25.57 -7.92
C HIS B 87 2.96 -24.32 -7.59
N VAL B 88 1.90 -24.51 -6.83
CA VAL B 88 1.13 -23.40 -6.29
C VAL B 88 1.17 -23.53 -4.79
N ILE B 89 1.49 -22.44 -4.09
CA ILE B 89 1.46 -22.43 -2.62
C ILE B 89 0.19 -23.11 -2.07
N LYS B 90 0.37 -23.98 -1.07
CA LYS B 90 -0.77 -24.68 -0.47
C LYS B 90 -1.42 -23.88 0.68
N LEU B 91 -2.75 -23.81 0.65
CA LEU B 91 -3.53 -23.25 1.75
C LEU B 91 -3.89 -24.35 2.73
N TYR B 92 -3.65 -24.11 4.02
CA TYR B 92 -4.02 -25.07 5.04
C TYR B 92 -5.31 -24.70 5.74
N GLY B 93 -5.63 -23.39 5.76
CA GLY B 93 -6.84 -22.94 6.42
C GLY B 93 -6.69 -21.55 6.97
N ALA B 94 -7.51 -21.25 7.97
CA ALA B 94 -7.67 -19.90 8.52
C ALA B 94 -8.26 -19.91 9.94
N CYS B 95 -7.91 -18.89 10.72
CA CYS B 95 -8.48 -18.64 12.04
C CYS B 95 -9.30 -17.37 11.89
N SER B 96 -10.60 -17.52 12.03
CA SER B 96 -11.53 -16.41 11.88
C SER B 96 -12.39 -16.17 13.13
N GLN B 97 -12.15 -16.93 14.20
CA GLN B 97 -13.04 -16.95 15.38
C GLN B 97 -12.45 -16.33 16.67
N ASP B 98 -11.20 -15.92 16.61
CA ASP B 98 -10.47 -15.51 17.82
C ASP B 98 -9.49 -14.43 17.47
N GLY B 99 -9.92 -13.17 17.57
CA GLY B 99 -9.05 -12.03 17.28
C GLY B 99 -8.83 -11.78 15.80
N PRO B 100 -7.57 -11.51 15.42
CA PRO B 100 -7.25 -11.15 14.04
C PRO B 100 -7.41 -12.30 13.06
N LEU B 101 -7.83 -11.99 11.83
CA LEU B 101 -7.93 -12.98 10.77
CA LEU B 101 -7.93 -12.96 10.74
C LEU B 101 -6.54 -13.45 10.35
N LEU B 102 -6.34 -14.77 10.38
CA LEU B 102 -5.05 -15.37 10.01
C LEU B 102 -5.25 -16.35 8.86
N LEU B 103 -4.44 -16.21 7.81
CA LEU B 103 -4.36 -17.21 6.74
C LEU B 103 -3.18 -18.10 7.00
N ILE B 104 -3.41 -19.41 6.89
CA ILE B 104 -2.38 -20.39 7.15
C ILE B 104 -2.01 -21.03 5.83
N VAL B 105 -0.75 -20.87 5.47
CA VAL B 105 -0.24 -21.39 4.21
C VAL B 105 1.02 -22.18 4.47
N GLU B 106 1.43 -22.91 3.43
CA GLU B 106 2.64 -23.70 3.38
C GLU B 106 3.88 -22.85 3.62
N TYR B 107 4.81 -23.40 4.41
CA TYR B 107 6.08 -22.73 4.70
C TYR B 107 7.13 -23.10 3.64
N ALA B 108 7.76 -22.10 3.04
CA ALA B 108 8.79 -22.33 2.02
C ALA B 108 10.17 -22.02 2.62
N LYS B 109 10.94 -23.07 2.85
CA LYS B 109 12.16 -22.92 3.65
C LYS B 109 13.17 -21.93 3.10
N TYR B 110 13.17 -21.66 1.79
CA TYR B 110 14.10 -20.66 1.23
C TYR B 110 13.51 -19.28 1.01
N GLY B 111 12.20 -19.11 1.23
CA GLY B 111 11.59 -17.80 1.05
C GLY B 111 11.44 -17.44 -0.42
N SER B 112 11.48 -16.16 -0.74
CA SER B 112 11.14 -15.71 -2.08
C SER B 112 12.24 -16.01 -3.06
N LEU B 113 11.85 -16.27 -4.30
CA LEU B 113 12.78 -16.60 -5.37
C LEU B 113 13.77 -15.48 -5.60
N ARG B 114 13.28 -14.24 -5.58
CA ARG B 114 14.13 -13.07 -5.66
C ARG B 114 15.27 -13.10 -4.61
N GLY B 115 14.93 -13.36 -3.35
CA GLY B 115 15.94 -13.44 -2.27
C GLY B 115 16.94 -14.57 -2.49
N PHE B 116 16.42 -15.75 -2.75
CA PHE B 116 17.15 -16.94 -3.12
C PHE B 116 18.21 -16.67 -4.20
N LEU B 117 17.78 -16.05 -5.30
CA LEU B 117 18.67 -15.76 -6.44
C LEU B 117 19.82 -14.78 -6.14
N ARG B 118 19.51 -13.69 -5.44
CA ARG B 118 20.54 -12.69 -5.14
C ARG B 118 21.63 -13.19 -4.17
N GLU B 119 21.34 -14.28 -3.45
CA GLU B 119 22.30 -14.93 -2.56
C GLU B 119 23.07 -16.03 -3.26
N SER B 120 22.79 -16.24 -4.54
CA SER B 120 23.40 -17.31 -5.30
C SER B 120 24.48 -16.78 -6.26
N ARG B 121 25.33 -17.68 -6.75
CA ARG B 121 26.26 -17.33 -7.83
C ARG B 121 26.02 -18.23 -9.05
N LYS B 122 26.27 -17.67 -10.23
CA LYS B 122 26.15 -18.40 -11.49
C LYS B 122 27.44 -19.18 -11.77
N VAL B 123 27.30 -20.45 -12.18
CA VAL B 123 28.46 -21.29 -12.52
C VAL B 123 28.32 -22.00 -13.87
N GLY B 124 29.40 -22.63 -14.31
CA GLY B 124 29.37 -23.52 -15.46
C GLY B 124 29.62 -24.95 -15.03
N SER B 138 30.86 -30.35 4.94
CA SER B 138 30.49 -29.20 5.75
C SER B 138 31.55 -28.07 5.67
N LEU B 139 31.66 -27.51 4.47
CA LEU B 139 32.51 -26.35 4.20
C LEU B 139 31.69 -25.06 4.13
N ASP B 140 32.32 -23.98 3.69
CA ASP B 140 31.70 -22.66 3.74
C ASP B 140 32.13 -21.82 2.54
N HIS B 141 31.20 -21.03 2.01
CA HIS B 141 31.47 -20.16 0.86
C HIS B 141 30.79 -18.79 1.03
N PRO B 142 31.43 -17.72 0.50
CA PRO B 142 30.85 -16.36 0.43
C PRO B 142 29.43 -16.25 -0.18
N ASP B 143 28.97 -17.27 -0.90
CA ASP B 143 27.59 -17.33 -1.37
C ASP B 143 26.86 -18.53 -0.76
N GLU B 144 25.53 -18.43 -0.68
CA GLU B 144 24.71 -19.50 -0.10
C GLU B 144 24.72 -20.77 -0.96
N ARG B 145 24.83 -20.61 -2.29
CA ARG B 145 24.86 -21.73 -3.22
C ARG B 145 25.29 -21.33 -4.62
N ALA B 146 25.57 -22.34 -5.44
CA ALA B 146 25.94 -22.19 -6.84
C ALA B 146 24.81 -22.72 -7.73
N LEU B 147 24.48 -21.98 -8.78
CA LEU B 147 23.42 -22.39 -9.71
C LEU B 147 23.87 -22.44 -11.17
N THR B 148 23.47 -23.49 -11.86
CA THR B 148 23.73 -23.62 -13.29
C THR B 148 22.52 -23.15 -14.10
N MET B 149 22.75 -22.93 -15.39
CA MET B 149 21.65 -22.67 -16.32
C MET B 149 20.57 -23.74 -16.25
N GLY B 150 20.98 -24.99 -16.00
CA GLY B 150 20.04 -26.10 -15.83
C GLY B 150 19.06 -25.86 -14.68
N ASP B 151 19.56 -25.37 -13.55
CA ASP B 151 18.70 -25.02 -12.40
C ASP B 151 17.72 -23.92 -12.79
N LEU B 152 18.25 -22.85 -13.38
CA LEU B 152 17.43 -21.71 -13.79
C LEU B 152 16.32 -22.08 -14.77
N ILE B 153 16.64 -22.91 -15.77
CA ILE B 153 15.63 -23.44 -16.68
C ILE B 153 14.61 -24.28 -15.90
N SER B 154 15.11 -25.09 -14.97
CA SER B 154 14.25 -25.89 -14.11
C SER B 154 13.24 -24.99 -13.36
N PHE B 155 13.73 -23.90 -12.78
CA PHE B 155 12.86 -23.00 -11.99
C PHE B 155 11.76 -22.42 -12.85
N ALA B 156 12.14 -21.93 -14.02
CA ALA B 156 11.18 -21.33 -14.97
C ALA B 156 10.12 -22.33 -15.40
N TRP B 157 10.52 -23.58 -15.59
CA TRP B 157 9.60 -24.62 -16.04
C TRP B 157 8.53 -24.92 -14.99
N GLN B 158 8.95 -24.97 -13.72
CA GLN B 158 8.03 -25.25 -12.62
C GLN B 158 6.94 -24.20 -12.50
N ILE B 159 7.32 -22.94 -12.64
CA ILE B 159 6.40 -21.80 -12.65
C ILE B 159 5.43 -21.87 -13.84
N SER B 160 5.97 -22.14 -15.03
CA SER B 160 5.14 -22.30 -16.22
CA SER B 160 5.14 -22.31 -16.24
C SER B 160 4.13 -23.43 -16.07
N GLN B 161 4.53 -24.52 -15.41
CA GLN B 161 3.58 -25.60 -15.09
C GLN B 161 2.47 -25.07 -14.22
N GLY B 162 2.84 -24.44 -13.10
CA GLY B 162 1.87 -23.84 -12.18
C GLY B 162 0.91 -22.90 -12.91
N MET B 163 1.47 -22.05 -13.79
CA MET B 163 0.69 -21.08 -14.57
C MET B 163 -0.24 -21.72 -15.61
N GLN B 164 0.18 -22.85 -16.18
CA GLN B 164 -0.63 -23.61 -17.12
C GLN B 164 -1.86 -24.15 -16.38
N TYR B 165 -1.63 -24.62 -15.16
CA TYR B 165 -2.71 -25.09 -14.33
C TYR B 165 -3.69 -23.96 -14.00
N LEU B 166 -3.17 -22.78 -13.68
CA LEU B 166 -4.03 -21.66 -13.33
C LEU B 166 -4.84 -21.15 -14.51
N ALA B 167 -4.20 -21.04 -15.67
CA ALA B 167 -4.87 -20.66 -16.91
C ALA B 167 -5.96 -21.67 -17.31
N GLU B 168 -5.69 -22.96 -17.12
CA GLU B 168 -6.70 -24.01 -17.33
C GLU B 168 -7.88 -23.85 -16.35
N MET B 169 -7.60 -23.37 -15.14
CA MET B 169 -8.64 -23.08 -14.14
CA MET B 169 -8.63 -23.07 -14.14
C MET B 169 -9.31 -21.73 -14.39
N LYS B 170 -8.97 -21.08 -15.50
CA LYS B 170 -9.55 -19.79 -15.87
C LYS B 170 -9.25 -18.69 -14.84
N LEU B 171 -8.02 -18.68 -14.37
CA LEU B 171 -7.61 -17.75 -13.34
C LEU B 171 -6.42 -16.92 -13.84
N VAL B 172 -6.52 -15.61 -13.68
CA VAL B 172 -5.45 -14.68 -14.08
C VAL B 172 -4.74 -14.24 -12.79
N HIS B 173 -3.44 -14.49 -12.68
CA HIS B 173 -2.72 -14.22 -11.44
C HIS B 173 -2.51 -12.72 -11.21
N ARG B 174 -2.15 -12.02 -12.29
CA ARG B 174 -1.97 -10.55 -12.35
C ARG B 174 -0.65 -10.01 -11.76
N ASP B 175 -0.11 -10.68 -10.75
CA ASP B 175 1.07 -10.14 -10.05
C ASP B 175 2.30 -11.06 -10.07
N LEU B 176 2.56 -11.66 -11.23
CA LEU B 176 3.69 -12.59 -11.40
C LEU B 176 5.00 -11.82 -11.41
N ALA B 177 5.94 -12.24 -10.56
CA ALA B 177 7.21 -11.55 -10.34
C ALA B 177 8.05 -12.42 -9.42
N ALA B 178 9.38 -12.28 -9.47
CA ALA B 178 10.29 -13.11 -8.66
C ALA B 178 10.07 -12.99 -7.15
N ARG B 179 9.56 -11.83 -6.70
CA ARG B 179 9.26 -11.66 -5.27
C ARG B 179 8.00 -12.42 -4.85
N ASN B 180 7.23 -12.91 -5.82
CA ASN B 180 5.99 -13.64 -5.51
C ASN B 180 6.09 -15.12 -5.82
N ILE B 181 7.30 -15.60 -6.05
CA ILE B 181 7.51 -17.03 -6.15
C ILE B 181 8.24 -17.43 -4.90
N LEU B 182 7.82 -18.53 -4.28
CA LEU B 182 8.45 -19.00 -3.07
C LEU B 182 9.26 -20.25 -3.38
N VAL B 183 10.39 -20.39 -2.69
CA VAL B 183 11.28 -21.54 -2.92
C VAL B 183 11.23 -22.50 -1.73
N ALA B 184 10.62 -23.66 -1.95
CA ALA B 184 10.43 -24.66 -0.90
C ALA B 184 11.56 -25.69 -0.87
N GLU B 185 11.54 -26.56 0.14
CA GLU B 185 12.49 -27.66 0.28
C GLU B 185 12.70 -28.42 -1.05
N GLY B 186 13.97 -28.69 -1.38
CA GLY B 186 14.30 -29.35 -2.63
C GLY B 186 14.21 -28.40 -3.81
N ARG B 187 14.25 -27.09 -3.50
CA ARG B 187 14.19 -25.99 -4.46
C ARG B 187 12.97 -26.01 -5.37
N LYS B 188 11.82 -26.37 -4.79
CA LYS B 188 10.55 -26.43 -5.52
C LYS B 188 9.87 -25.06 -5.56
N MET B 189 9.48 -24.63 -6.76
CA MET B 189 8.89 -23.31 -6.97
C MET B 189 7.41 -23.36 -6.63
N LYS B 190 6.95 -22.33 -5.91
CA LYS B 190 5.54 -22.18 -5.55
C LYS B 190 5.10 -20.77 -5.90
N ILE B 191 4.06 -20.70 -6.72
CA ILE B 191 3.45 -19.43 -7.03
C ILE B 191 2.64 -19.01 -5.82
N SER B 192 2.84 -17.74 -5.41
CA SER B 192 2.20 -17.23 -4.21
CA SER B 192 2.23 -17.20 -4.20
C SER B 192 1.59 -15.85 -4.47
N ASP B 193 0.99 -15.27 -3.43
CA ASP B 193 0.35 -13.95 -3.48
C ASP B 193 -0.78 -13.86 -4.51
N PHE B 194 -1.93 -14.44 -4.15
CA PHE B 194 -3.12 -14.41 -4.99
C PHE B 194 -4.12 -13.30 -4.62
N GLY B 195 -3.66 -12.29 -3.87
CA GLY B 195 -4.49 -11.14 -3.45
C GLY B 195 -5.14 -10.37 -4.61
N LEU B 196 -4.50 -10.34 -5.77
CA LEU B 196 -4.98 -9.57 -6.91
C LEU B 196 -5.47 -10.41 -8.08
N SER B 197 -5.52 -11.73 -7.88
N SER B 197 -5.51 -11.73 -7.87
CA SER B 197 -5.96 -12.66 -8.92
CA SER B 197 -5.96 -12.67 -8.90
C SER B 197 -7.46 -12.55 -9.14
C SER B 197 -7.46 -12.58 -9.12
N ARG B 198 -7.91 -12.93 -10.33
CA ARG B 198 -9.34 -13.01 -10.63
C ARG B 198 -9.72 -14.06 -11.68
N ASP B 199 -10.96 -14.54 -11.58
CA ASP B 199 -11.53 -15.41 -12.61
C ASP B 199 -11.77 -14.55 -13.85
N VAL B 200 -11.18 -14.94 -14.97
CA VAL B 200 -11.51 -14.31 -16.25
C VAL B 200 -12.74 -14.99 -16.88
N SER B 210 -10.57 1.12 -11.18
CA SER B 210 -9.87 0.72 -12.40
C SER B 210 -8.35 0.72 -12.22
N GLN B 211 -7.86 1.66 -11.42
CA GLN B 211 -6.41 1.86 -11.20
C GLN B 211 -5.75 0.67 -10.51
N GLY B 212 -4.87 0.01 -11.25
CA GLY B 212 -4.26 -1.23 -10.79
C GLY B 212 -3.15 -1.04 -9.77
N ARG B 213 -2.95 -2.08 -8.97
CA ARG B 213 -1.91 -2.07 -7.97
C ARG B 213 -0.76 -3.01 -8.30
N ILE B 214 -0.61 -3.35 -9.58
CA ILE B 214 0.55 -4.14 -10.03
C ILE B 214 1.64 -3.17 -10.47
N PRO B 215 2.89 -3.38 -10.00
CA PRO B 215 4.00 -2.53 -10.40
C PRO B 215 4.10 -2.42 -11.93
N VAL B 216 4.18 -1.19 -12.42
CA VAL B 216 4.28 -0.90 -13.86
C VAL B 216 5.30 -1.75 -14.63
N LYS B 217 6.48 -2.00 -14.04
CA LYS B 217 7.56 -2.68 -14.74
C LYS B 217 7.29 -4.17 -15.06
N TRP B 218 6.26 -4.76 -14.43
CA TRP B 218 5.85 -6.14 -14.73
C TRP B 218 4.58 -6.26 -15.55
N MET B 219 3.96 -5.11 -15.86
CA MET B 219 2.65 -5.08 -16.50
C MET B 219 2.73 -5.11 -18.01
N ALA B 220 1.85 -5.89 -18.64
CA ALA B 220 1.67 -5.90 -20.11
C ALA B 220 1.18 -4.57 -20.66
N ILE B 221 1.63 -4.25 -21.87
CA ILE B 221 1.24 -3.01 -22.55
C ILE B 221 -0.29 -2.78 -22.59
N GLU B 222 -1.09 -3.80 -22.89
CA GLU B 222 -2.56 -3.63 -22.87
C GLU B 222 -3.16 -3.45 -21.45
N SER B 223 -2.44 -3.89 -20.42
CA SER B 223 -2.88 -3.67 -19.06
C SER B 223 -2.64 -2.21 -18.70
N LEU B 224 -1.47 -1.72 -19.06
CA LEU B 224 -1.10 -0.32 -18.87
C LEU B 224 -2.01 0.64 -19.64
N PHE B 225 -2.30 0.35 -20.91
CA PHE B 225 -3.04 1.28 -21.76
C PHE B 225 -4.56 1.06 -21.74
N ASP B 226 -5.01 -0.19 -21.73
CA ASP B 226 -6.45 -0.47 -21.67
C ASP B 226 -6.99 -1.02 -20.35
N HIS B 227 -6.13 -1.23 -19.34
CA HIS B 227 -6.57 -1.87 -18.07
C HIS B 227 -7.09 -3.32 -18.23
N ILE B 228 -6.66 -3.98 -19.30
CA ILE B 228 -7.05 -5.34 -19.63
C ILE B 228 -6.07 -6.37 -19.05
N TYR B 229 -6.63 -7.39 -18.40
CA TYR B 229 -5.86 -8.47 -17.79
C TYR B 229 -6.40 -9.81 -18.25
N THR B 230 -5.53 -10.62 -18.85
CA THR B 230 -5.87 -11.93 -19.37
C THR B 230 -4.68 -12.86 -19.13
N THR B 231 -4.83 -14.14 -19.48
CA THR B 231 -3.72 -15.06 -19.39
C THR B 231 -2.51 -14.57 -20.21
N GLN B 232 -2.76 -13.96 -21.36
CA GLN B 232 -1.69 -13.41 -22.18
C GLN B 232 -0.93 -12.23 -21.53
N SER B 233 -1.63 -11.45 -20.69
CA SER B 233 -0.94 -10.44 -19.88
C SER B 233 -0.14 -11.12 -18.75
N ASP B 234 -0.60 -12.26 -18.25
CA ASP B 234 0.24 -13.09 -17.34
C ASP B 234 1.54 -13.54 -18.00
N VAL B 235 1.44 -13.92 -19.28
CA VAL B 235 2.59 -14.29 -20.10
C VAL B 235 3.66 -13.16 -20.21
N TRP B 236 3.23 -11.92 -20.42
CA TRP B 236 4.13 -10.77 -20.42
C TRP B 236 4.90 -10.68 -19.10
N SER B 237 4.16 -10.70 -17.99
CA SER B 237 4.75 -10.72 -16.66
C SER B 237 5.72 -11.88 -16.52
N PHE B 238 5.37 -13.04 -17.08
CA PHE B 238 6.27 -14.20 -17.01
C PHE B 238 7.62 -13.92 -17.67
N GLY B 239 7.59 -13.15 -18.77
CA GLY B 239 8.81 -12.74 -19.49
C GLY B 239 9.69 -11.85 -18.63
N VAL B 240 9.09 -10.92 -17.88
CA VAL B 240 9.88 -10.12 -16.94
C VAL B 240 10.51 -11.01 -15.84
N LEU B 241 9.74 -11.97 -15.35
N LEU B 241 9.74 -11.98 -15.37
CA LEU B 241 10.24 -12.91 -14.34
CA LEU B 241 10.22 -12.91 -14.34
C LEU B 241 11.42 -13.74 -14.88
C LEU B 241 11.35 -13.83 -14.86
N LEU B 242 11.34 -14.15 -16.15
CA LEU B 242 12.42 -14.92 -16.79
C LEU B 242 13.70 -14.12 -16.74
N TRP B 243 13.58 -12.85 -17.12
CA TRP B 243 14.67 -11.90 -17.09
C TRP B 243 15.24 -11.80 -15.69
N GLU B 244 14.37 -11.66 -14.68
CA GLU B 244 14.79 -11.68 -13.28
C GLU B 244 15.59 -12.95 -12.93
N ILE B 245 15.15 -14.09 -13.46
CA ILE B 245 15.78 -15.39 -13.19
C ILE B 245 17.18 -15.47 -13.78
N VAL B 246 17.34 -15.06 -15.05
CA VAL B 246 18.64 -15.20 -15.73
C VAL B 246 19.68 -14.18 -15.29
N THR B 247 19.22 -13.05 -14.75
CA THR B 247 20.11 -12.07 -14.14
C THR B 247 20.32 -12.32 -12.62
N LEU B 248 19.82 -13.44 -12.12
CA LEU B 248 19.89 -13.79 -10.71
C LEU B 248 19.38 -12.68 -9.76
N GLY B 249 18.19 -12.16 -10.08
CA GLY B 249 17.52 -11.19 -9.22
C GLY B 249 17.78 -9.74 -9.60
N GLY B 250 17.97 -9.47 -10.89
CA GLY B 250 18.17 -8.11 -11.36
C GLY B 250 16.91 -7.26 -11.18
N ASN B 251 17.08 -5.95 -11.28
CA ASN B 251 15.97 -5.00 -11.24
C ASN B 251 15.61 -4.63 -12.68
N PRO B 252 14.39 -4.99 -13.13
CA PRO B 252 13.94 -4.72 -14.52
C PRO B 252 13.98 -3.22 -14.88
N TYR B 253 14.32 -2.92 -16.15
CA TYR B 253 14.47 -1.55 -16.66
C TYR B 253 15.23 -0.61 -15.71
N PRO B 254 16.49 -0.96 -15.38
CA PRO B 254 17.17 -0.21 -14.31
C PRO B 254 17.46 1.22 -14.72
N GLY B 255 17.28 2.17 -13.79
CA GLY B 255 17.51 3.57 -14.09
C GLY B 255 16.45 4.24 -14.96
N ILE B 256 15.45 3.47 -15.37
CA ILE B 256 14.30 4.04 -16.10
C ILE B 256 13.12 4.26 -15.15
N PRO B 257 12.63 5.51 -15.06
CA PRO B 257 11.50 5.78 -14.17
C PRO B 257 10.26 5.04 -14.66
N PRO B 258 9.52 4.38 -13.73
CA PRO B 258 8.27 3.67 -14.04
C PRO B 258 7.31 4.51 -14.86
N GLU B 259 7.26 5.82 -14.59
CA GLU B 259 6.42 6.77 -15.34
C GLU B 259 6.85 6.96 -16.82
N ARG B 260 8.12 6.72 -17.13
CA ARG B 260 8.60 6.83 -18.51
C ARG B 260 8.33 5.59 -19.37
N LEU B 261 8.02 4.48 -18.71
CA LEU B 261 7.96 3.17 -19.35
C LEU B 261 6.87 3.00 -20.41
N PHE B 262 5.70 3.61 -20.19
CA PHE B 262 4.57 3.53 -21.13
C PHE B 262 5.02 3.76 -22.57
N ASN B 263 5.71 4.88 -22.78
CA ASN B 263 6.01 5.37 -24.11
C ASN B 263 7.17 4.65 -24.76
N LEU B 264 8.12 4.23 -23.94
CA LEU B 264 9.22 3.39 -24.41
C LEU B 264 8.67 2.06 -24.96
N LEU B 265 7.78 1.43 -24.18
CA LEU B 265 7.10 0.19 -24.61
C LEU B 265 6.21 0.37 -25.83
N LYS B 266 5.44 1.46 -25.86
CA LYS B 266 4.55 1.75 -26.99
C LYS B 266 5.34 1.89 -28.30
N THR B 267 6.48 2.57 -28.24
CA THR B 267 7.32 2.76 -29.43
C THR B 267 8.16 1.53 -29.73
N GLY B 268 8.01 0.46 -28.95
CA GLY B 268 8.65 -0.82 -29.27
C GLY B 268 10.00 -1.08 -28.64
N HIS B 269 10.34 -0.36 -27.58
CA HIS B 269 11.55 -0.67 -26.84
C HIS B 269 11.31 -1.83 -25.88
N ARG B 270 12.31 -2.68 -25.72
CA ARG B 270 12.26 -3.80 -24.79
C ARG B 270 13.62 -3.91 -24.11
N MET B 271 13.70 -4.64 -22.99
CA MET B 271 14.97 -4.91 -22.36
C MET B 271 15.92 -5.65 -23.29
N GLU B 272 17.18 -5.21 -23.33
CA GLU B 272 18.20 -5.85 -24.16
C GLU B 272 18.53 -7.25 -23.61
N ARG B 273 19.24 -8.03 -24.41
CA ARG B 273 19.70 -9.35 -23.99
C ARG B 273 20.71 -9.23 -22.85
N PRO B 274 20.41 -9.82 -21.68
CA PRO B 274 21.31 -9.71 -20.52
C PRO B 274 22.56 -10.56 -20.69
N ASP B 275 23.53 -10.34 -19.81
CA ASP B 275 24.74 -11.16 -19.78
C ASP B 275 24.37 -12.57 -19.29
N ASN B 276 25.19 -13.56 -19.63
CA ASN B 276 24.92 -14.97 -19.27
C ASN B 276 23.55 -15.47 -19.74
N CYS B 277 23.01 -14.85 -20.78
CA CYS B 277 21.75 -15.28 -21.35
C CYS B 277 21.95 -15.72 -22.79
N SER B 278 21.47 -16.93 -23.11
CA SER B 278 21.60 -17.49 -24.45
C SER B 278 20.57 -16.92 -25.44
N GLU B 279 20.88 -17.05 -26.73
CA GLU B 279 19.97 -16.65 -27.81
C GLU B 279 18.54 -17.19 -27.66
N GLU B 280 18.43 -18.49 -27.35
CA GLU B 280 17.15 -19.17 -27.29
C GLU B 280 16.31 -18.70 -26.09
N MET B 281 17.00 -18.51 -24.96
CA MET B 281 16.40 -17.97 -23.75
C MET B 281 15.87 -16.55 -23.97
N TYR B 282 16.69 -15.70 -24.57
CA TYR B 282 16.31 -14.31 -24.81
C TYR B 282 15.15 -14.22 -25.78
N ARG B 283 15.11 -15.12 -26.77
CA ARG B 283 14.07 -15.15 -27.81
C ARG B 283 12.70 -15.45 -27.20
N LEU B 284 12.71 -16.36 -26.24
CA LEU B 284 11.53 -16.69 -25.45
C LEU B 284 11.04 -15.46 -24.66
N MET B 285 11.93 -14.76 -23.97
CA MET B 285 11.57 -13.51 -23.29
C MET B 285 10.91 -12.53 -24.23
N LEU B 286 11.59 -12.23 -25.34
CA LEU B 286 11.07 -11.27 -26.32
C LEU B 286 9.67 -11.58 -26.81
N GLN B 287 9.43 -12.85 -27.10
CA GLN B 287 8.11 -13.29 -27.55
C GLN B 287 7.02 -13.05 -26.48
N CYS B 288 7.38 -13.17 -25.22
CA CYS B 288 6.47 -12.85 -24.11
C CYS B 288 6.08 -11.37 -24.12
N TRP B 289 6.95 -10.54 -24.70
CA TRP B 289 6.72 -9.10 -24.72
C TRP B 289 6.28 -8.56 -26.09
N LYS B 290 5.71 -9.42 -26.93
CA LYS B 290 5.04 -8.94 -28.14
C LYS B 290 3.91 -7.99 -27.79
N GLN B 291 3.74 -6.94 -28.58
CA GLN B 291 2.65 -5.99 -28.35
C GLN B 291 1.27 -6.64 -28.49
N GLU B 292 1.04 -7.38 -29.56
CA GLU B 292 -0.23 -8.07 -29.75
C GLU B 292 -0.26 -9.35 -28.90
N PRO B 293 -1.22 -9.44 -27.95
CA PRO B 293 -1.28 -10.57 -27.03
C PRO B 293 -1.39 -11.92 -27.76
N ASP B 294 -1.96 -11.92 -28.95
CA ASP B 294 -2.09 -13.14 -29.74
C ASP B 294 -0.76 -13.69 -30.22
N LYS B 295 0.24 -12.83 -30.34
CA LYS B 295 1.56 -13.22 -30.83
C LYS B 295 2.43 -13.83 -29.74
N ARG B 296 2.03 -13.64 -28.48
CA ARG B 296 2.77 -14.19 -27.35
C ARG B 296 2.52 -15.69 -27.24
N PRO B 297 3.48 -16.44 -26.67
CA PRO B 297 3.24 -17.86 -26.42
C PRO B 297 2.18 -18.06 -25.34
N VAL B 298 1.50 -19.21 -25.36
CA VAL B 298 0.69 -19.61 -24.23
C VAL B 298 1.62 -20.37 -23.28
N PHE B 299 1.14 -20.66 -22.06
CA PHE B 299 2.02 -21.28 -21.05
C PHE B 299 2.48 -22.69 -21.43
N ALA B 300 1.62 -23.43 -22.13
CA ALA B 300 1.98 -24.72 -22.72
C ALA B 300 3.16 -24.59 -23.67
N ASP B 301 3.13 -23.58 -24.56
CA ASP B 301 4.25 -23.33 -25.48
C ASP B 301 5.51 -23.06 -24.67
N ILE B 302 5.38 -22.23 -23.63
CA ILE B 302 6.50 -21.87 -22.75
C ILE B 302 7.14 -23.11 -22.08
N SER B 303 6.34 -23.93 -21.41
CA SER B 303 6.81 -25.21 -20.84
C SER B 303 7.51 -26.08 -21.88
N LYS B 304 6.91 -26.23 -23.04
CA LYS B 304 7.53 -26.91 -24.15
C LYS B 304 8.90 -26.40 -24.51
N ASP B 305 9.07 -25.08 -24.59
CA ASP B 305 10.37 -24.50 -24.92
C ASP B 305 11.42 -24.85 -23.86
N LEU B 306 11.01 -24.78 -22.60
CA LEU B 306 11.88 -25.08 -21.51
C LEU B 306 12.20 -26.57 -21.44
N GLU B 307 11.23 -27.41 -21.66
CA GLU B 307 11.46 -28.84 -21.73
C GLU B 307 12.48 -29.20 -22.82
N LYS B 308 12.38 -28.58 -23.99
CA LYS B 308 13.32 -28.77 -25.11
C LYS B 308 14.74 -28.33 -24.74
N MET B 309 14.88 -27.09 -24.28
CA MET B 309 16.16 -26.61 -23.80
C MET B 309 16.81 -27.62 -22.86
N MET B 310 16.00 -28.24 -22.01
CA MET B 310 16.55 -29.08 -20.96
C MET B 310 17.20 -30.36 -21.51
N VAL B 311 16.46 -31.15 -22.29
CA VAL B 311 17.00 -32.39 -22.90
CA VAL B 311 17.01 -32.39 -22.86
C VAL B 311 18.22 -32.11 -23.77
N LYS B 312 18.24 -30.94 -24.40
CA LYS B 312 19.34 -30.54 -25.28
C LYS B 312 20.55 -30.01 -24.52
N ARG B 313 20.55 -30.19 -23.20
CA ARG B 313 21.58 -29.68 -22.28
C ARG B 313 21.66 -28.15 -22.37
CAA Q6G C . 12.68 16.76 10.98
CAB Q6G C . 11.85 15.71 10.27
CAE Q6G C . 11.02 14.95 11.31
OAC Q6G C . 12.73 14.81 9.62
CAD Q6G C . 10.95 16.36 9.20
OAF Q6G C . 10.15 15.33 8.58
CAG Q6G C . 9.42 15.62 7.47
CAH Q6G C . 8.74 14.58 6.84
CAL Q6G C . 9.29 16.89 6.95
NAK Q6G C . 8.50 17.04 5.81
NAO Q6G C . 8.27 18.19 5.17
CAN Q6G C . 7.49 17.95 4.12
CAM Q6G C . 7.24 16.65 4.14
CAP Q6G C . 6.44 16.08 3.17
NAQ Q6G C . 5.79 15.62 2.36
CAJ Q6G C . 7.85 16.05 5.18
CAI Q6G C . 7.96 14.78 5.70
CAR Q6G C . 7.32 13.63 5.18
CAS Q6G C . 5.96 13.61 4.85
NAT Q6G C . 5.37 12.43 4.37
CAW Q6G C . 8.04 12.43 5.06
CAV Q6G C . 7.44 11.28 4.61
CAU Q6G C . 6.10 11.28 4.26
NAX Q6G C . 5.56 10.13 3.79
CAY Q6G C . 4.24 10.11 3.07
CBC Q6G C . 6.35 8.85 3.91
CBB Q6G C . 5.52 7.63 3.43
CBA Q6G C . 4.12 7.74 4.04
CAZ Q6G C . 3.80 8.65 2.83
NBA Q6G C . 4.85 7.87 2.14
CBD Q6G C . 5.67 8.61 1.13
CBE Q6G C . 4.96 8.72 -0.23
CBF Q6G C . 5.62 9.34 -1.29
NBG Q6G C . 4.97 9.43 -2.53
CBJ Q6G C . 3.67 8.23 -0.41
CBI Q6G C . 3.05 8.34 -1.64
CBH Q6G C . 3.73 8.94 -2.70
OBK Q6G C . 3.14 9.06 -3.91
CBL Q6G C . 2.09 8.13 -4.17
C FMT D . 12.95 15.22 -13.61
O1 FMT D . 11.79 15.35 -13.96
O2 FMT D . 13.26 14.46 -12.56
C FMT E . 13.21 15.69 -14.39
O1 FMT E . 13.41 15.02 -13.39
O2 FMT E . 14.22 16.01 -15.18
C FMT F . 12.98 16.07 -14.69
O1 FMT F . 13.14 17.02 -15.44
O2 FMT F . 11.79 15.48 -14.62
C FMT G . -8.66 5.07 -2.69
O1 FMT G . -8.82 5.96 -3.50
O2 FMT G . -9.47 5.02 -1.65
CAA Q6G H . 13.87 -18.66 5.82
CAB Q6G H . 13.14 -17.50 5.12
CAE Q6G H . 13.92 -17.04 3.88
OAC Q6G H . 13.04 -16.40 6.02
CAD Q6G H . 11.74 -17.93 4.74
OAF Q6G H . 11.07 -16.81 4.15
CAG Q6G H . 9.77 -16.97 3.87
CAH Q6G H . 9.01 -15.83 3.59
CAL Q6G H . 9.17 -18.22 3.84
NAK Q6G H . 7.80 -18.21 3.56
NAO Q6G H . 7.06 -19.33 3.52
CAN Q6G H . 5.82 -18.95 3.20
CAM Q6G H . 5.82 -17.62 3.08
CAP Q6G H . 4.62 -16.94 2.76
NAQ Q6G H . 3.57 -16.34 2.49
CAJ Q6G H . 7.05 -17.13 3.30
CAI Q6G H . 7.65 -15.90 3.31
CAR Q6G H . 7.05 -14.63 3.05
CAS Q6G H . 6.14 -14.38 2.01
NAT Q6G H . 5.63 -13.04 1.83
CAW Q6G H . 7.46 -13.53 3.82
CAV Q6G H . 6.96 -12.25 3.63
CAU Q6G H . 6.03 -12.02 2.62
NAX Q6G H . 5.53 -10.77 2.45
CAY Q6G H . 4.30 -10.57 1.62
CBC Q6G H . 6.11 -9.60 3.16
CBB Q6G H . 5.44 -8.27 2.70
CBA Q6G H . 5.31 -8.30 1.19
CAZ Q6G H . 3.99 -9.08 1.43
NBA Q6G H . 3.95 -8.33 2.71
CBD Q6G H . 3.26 -8.95 3.87
CBE Q6G H . 1.72 -8.96 3.70
CBF Q6G H . 0.93 -9.83 4.43
NBG Q6G H . -0.47 -9.80 4.26
CBJ Q6G H . 1.11 -8.08 2.80
CBI Q6G H . -0.27 -8.09 2.63
CBH Q6G H . -1.05 -8.96 3.36
OBK Q6G H . -2.41 -9.00 3.21
CBL Q6G H . -2.99 -8.08 2.25
C FMT I . -17.53 -2.46 2.15
O1 FMT I . -18.39 -3.08 2.78
O2 FMT I . -16.99 -2.88 1.00
#